data_2Y1H
#
_entry.id   2Y1H
#
_cell.length_a   44.910
_cell.length_b   44.910
_cell.length_c   233.112
_cell.angle_alpha   90.00
_cell.angle_beta   90.00
_cell.angle_gamma   120.00
#
_symmetry.space_group_name_H-M   'P 31'
#
loop_
_entity.id
_entity.type
_entity.pdbx_description
1 polymer 'PUTATIVE DEOXYRIBONUCLEASE TATDN3'
2 non-polymer 'ZINC ION'
3 non-polymer 'PHOSPHATE ION'
4 non-polymer 'NICKEL (II) ION'
5 non-polymer 1,2-ETHANEDIOL
6 water water
#
_entity_poly.entity_id   1
_entity_poly.type   'polypeptide(L)'
_entity_poly.pdbx_seq_one_letter_code
;SMGVGLVDCHCHLSAPDFDRDLDDVLEKAKKANVVALVAVAEHSGEFEKIMQLSERYNGFVLPCLGVHPVQGLPPEDQRS
VTLKDLDVALPIIENYKDRLLAIGEVGLDFSPRFAGTGEQKEEQRQVLIRQIQLAKRLNLPVNVHSRSAGRPTINLLQEQ
GAEKVLLHAFDGRPSVAMEGVRAGYFFSIPPSIIRSGQKQKLVKQLPLTSICLETDSPALGPEKQVRNEPWNISISAEYI
AQVKGISVEEVIEVTTQNALKLFPKLRHLLQK
;
_entity_poly.pdbx_strand_id   A,B
#
# COMPACT_ATOMS: atom_id res chain seq x y z
N MET A 2 -22.06 -0.27 1.13
CA MET A 2 -21.23 -0.01 2.31
C MET A 2 -19.82 0.44 1.89
N GLY A 3 -19.09 -0.45 1.22
CA GLY A 3 -17.73 -0.22 0.73
C GLY A 3 -17.69 0.50 -0.59
N VAL A 4 -16.77 1.48 -0.69
CA VAL A 4 -16.55 2.30 -1.87
C VAL A 4 -15.17 2.02 -2.46
N GLY A 5 -15.04 2.24 -3.76
CA GLY A 5 -13.82 2.04 -4.52
C GLY A 5 -12.90 3.26 -4.59
N LEU A 6 -11.62 3.01 -4.92
CA LEU A 6 -10.59 4.04 -5.00
C LEU A 6 -10.32 4.40 -6.43
N VAL A 7 -10.11 5.70 -6.69
CA VAL A 7 -9.82 6.24 -8.02
C VAL A 7 -8.37 6.79 -8.08
N ASP A 8 -7.59 6.33 -9.08
CA ASP A 8 -6.26 6.86 -9.34
C ASP A 8 -6.42 7.92 -10.44
N CYS A 9 -6.57 9.19 -10.02
CA CYS A 9 -6.83 10.30 -10.92
C CYS A 9 -5.64 10.68 -11.79
N HIS A 10 -4.47 10.08 -11.59
CA HIS A 10 -3.29 10.43 -12.40
C HIS A 10 -2.25 9.34 -12.34
N CYS A 11 -2.02 8.64 -13.47
CA CYS A 11 -0.99 7.60 -13.57
C CYS A 11 -0.58 7.37 -15.03
N HIS A 12 0.62 6.78 -15.21
CA HIS A 12 1.29 6.48 -16.48
C HIS A 12 1.45 4.97 -16.66
N LEU A 13 0.37 4.32 -17.08
CA LEU A 13 0.33 2.89 -17.33
C LEU A 13 1.09 2.52 -18.60
N SER A 14 1.13 3.46 -19.56
CA SER A 14 1.83 3.32 -20.84
C SER A 14 3.36 3.49 -20.71
N ALA A 15 3.87 3.79 -19.50
CA ALA A 15 5.29 3.99 -19.23
C ALA A 15 6.09 2.71 -19.50
N PRO A 16 7.37 2.82 -19.97
CA PRO A 16 8.16 1.62 -20.28
C PRO A 16 8.38 0.70 -19.07
N ASP A 17 8.20 1.26 -17.86
CA ASP A 17 8.36 0.57 -16.58
C ASP A 17 7.32 -0.54 -16.36
N PHE A 18 6.15 -0.45 -17.05
CA PHE A 18 5.03 -1.40 -16.95
C PHE A 18 4.87 -2.32 -18.17
N ASP A 19 5.75 -2.19 -19.18
CA ASP A 19 5.72 -3.01 -20.39
C ASP A 19 5.73 -4.51 -20.11
N ARG A 20 6.56 -4.95 -19.14
CA ARG A 20 6.73 -6.36 -18.76
C ARG A 20 5.53 -7.00 -18.05
N ASP A 21 4.91 -6.31 -17.05
CA ASP A 21 3.86 -6.90 -16.21
C ASP A 21 2.56 -6.07 -16.04
N LEU A 22 2.25 -5.13 -16.96
CA LEU A 22 1.08 -4.26 -16.83
C LEU A 22 -0.23 -5.01 -16.51
N ASP A 23 -0.50 -6.15 -17.17
CA ASP A 23 -1.72 -6.90 -16.94
C ASP A 23 -1.75 -7.49 -15.52
N ASP A 24 -0.60 -7.97 -15.02
CA ASP A 24 -0.53 -8.50 -13.66
C ASP A 24 -0.77 -7.38 -12.67
N VAL A 25 -0.14 -6.20 -12.92
CA VAL A 25 -0.25 -4.97 -12.13
C VAL A 25 -1.72 -4.49 -12.09
N LEU A 26 -2.37 -4.46 -13.27
CA LEU A 26 -3.77 -4.04 -13.40
C LEU A 26 -4.74 -5.01 -12.71
N GLU A 27 -4.53 -6.34 -12.81
CA GLU A 27 -5.40 -7.33 -12.17
C GLU A 27 -5.28 -7.21 -10.63
N LYS A 28 -4.05 -7.10 -10.13
CA LYS A 28 -3.73 -6.89 -8.73
C LYS A 28 -4.35 -5.57 -8.19
N ALA A 29 -4.39 -4.51 -9.02
CA ALA A 29 -4.98 -3.22 -8.62
C ALA A 29 -6.50 -3.39 -8.33
N LYS A 30 -7.21 -4.18 -9.17
CA LYS A 30 -8.63 -4.52 -9.00
C LYS A 30 -8.87 -5.19 -7.64
N LYS A 31 -8.00 -6.17 -7.27
CA LYS A 31 -8.06 -6.91 -6.00
C LYS A 31 -7.80 -5.99 -4.79
N ALA A 32 -6.99 -4.94 -4.99
CA ALA A 32 -6.60 -3.94 -3.99
C ALA A 32 -7.64 -2.80 -3.83
N ASN A 33 -8.89 -3.00 -4.32
CA ASN A 33 -10.05 -2.11 -4.22
C ASN A 33 -9.89 -0.81 -5.04
N VAL A 34 -9.10 -0.87 -6.12
CA VAL A 34 -8.94 0.24 -7.06
C VAL A 34 -10.04 0.05 -8.16
N VAL A 35 -11.04 0.97 -8.20
CA VAL A 35 -12.21 0.90 -9.10
C VAL A 35 -11.93 1.54 -10.48
N ALA A 36 -11.07 2.58 -10.55
CA ALA A 36 -10.74 3.23 -11.82
C ALA A 36 -9.32 3.84 -11.81
N LEU A 37 -8.68 3.81 -12.98
CA LEU A 37 -7.35 4.35 -13.25
C LEU A 37 -7.42 5.38 -14.38
N VAL A 38 -6.93 6.59 -14.11
CA VAL A 38 -6.94 7.68 -15.09
C VAL A 38 -5.52 7.74 -15.69
N ALA A 39 -5.36 7.13 -16.89
CA ALA A 39 -4.08 7.05 -17.61
C ALA A 39 -3.86 8.32 -18.42
N VAL A 40 -2.74 9.00 -18.15
CA VAL A 40 -2.35 10.24 -18.79
C VAL A 40 -1.19 9.98 -19.77
N ALA A 41 -1.02 10.88 -20.75
CA ALA A 41 0.02 10.86 -21.76
C ALA A 41 1.12 11.87 -21.45
N GLU A 42 2.24 11.79 -22.17
CA GLU A 42 3.36 12.72 -22.05
C GLU A 42 3.79 13.18 -23.41
N HIS A 43 3.79 12.27 -24.40
CA HIS A 43 4.16 12.50 -25.79
C HIS A 43 3.20 11.74 -26.73
N SER A 44 3.05 12.25 -27.97
CA SER A 44 2.16 11.74 -29.00
C SER A 44 2.46 10.28 -29.37
N GLY A 45 3.74 9.89 -29.28
CA GLY A 45 4.22 8.54 -29.56
C GLY A 45 3.64 7.41 -28.72
N GLU A 46 2.97 7.75 -27.60
CA GLU A 46 2.36 6.75 -26.72
C GLU A 46 0.82 6.89 -26.65
N PHE A 47 0.24 7.77 -27.47
CA PHE A 47 -1.22 8.00 -27.50
C PHE A 47 -1.98 6.73 -27.92
N GLU A 48 -1.44 5.99 -28.93
CA GLU A 48 -2.02 4.76 -29.46
C GLU A 48 -2.06 3.66 -28.39
N LYS A 49 -0.93 3.50 -27.65
CA LYS A 49 -0.73 2.58 -26.53
C LYS A 49 -1.75 2.83 -25.41
N ILE A 50 -2.04 4.12 -25.07
CA ILE A 50 -3.01 4.55 -24.04
C ILE A 50 -4.44 4.20 -24.51
N MET A 51 -4.76 4.51 -25.77
CA MET A 51 -6.07 4.23 -26.37
C MET A 51 -6.30 2.72 -26.47
N GLN A 52 -5.20 1.94 -26.68
CA GLN A 52 -5.24 0.47 -26.74
C GLN A 52 -5.54 -0.11 -25.34
N LEU A 53 -4.91 0.45 -24.27
CA LEU A 53 -5.16 0.04 -22.88
C LEU A 53 -6.59 0.37 -22.50
N SER A 54 -7.10 1.52 -22.99
CA SER A 54 -8.45 2.02 -22.77
C SER A 54 -9.49 1.05 -23.29
N GLU A 55 -9.20 0.35 -24.41
CA GLU A 55 -10.09 -0.61 -25.07
C GLU A 55 -10.00 -1.99 -24.42
N ARG A 56 -8.76 -2.47 -24.14
CA ARG A 56 -8.50 -3.74 -23.49
C ARG A 56 -9.13 -3.78 -22.07
N TYR A 57 -8.96 -2.69 -21.27
CA TYR A 57 -9.47 -2.58 -19.90
C TYR A 57 -10.62 -1.57 -19.80
N ASN A 58 -11.55 -1.62 -20.79
CA ASN A 58 -12.73 -0.75 -20.94
C ASN A 58 -13.52 -0.58 -19.62
N GLY A 59 -13.71 0.67 -19.23
CA GLY A 59 -14.43 1.02 -18.01
C GLY A 59 -13.58 1.01 -16.75
N PHE A 60 -12.29 0.59 -16.88
CA PHE A 60 -11.38 0.51 -15.74
C PHE A 60 -10.17 1.41 -15.98
N VAL A 61 -9.60 1.40 -17.19
CA VAL A 61 -8.53 2.33 -17.57
C VAL A 61 -9.20 3.41 -18.44
N LEU A 62 -9.28 4.66 -17.92
CA LEU A 62 -9.87 5.82 -18.62
C LEU A 62 -8.74 6.68 -19.22
N PRO A 63 -8.81 7.03 -20.52
CA PRO A 63 -7.66 7.70 -21.14
C PRO A 63 -7.67 9.23 -21.10
N CYS A 64 -6.44 9.76 -21.13
CA CYS A 64 -6.13 11.18 -21.17
C CYS A 64 -5.00 11.38 -22.15
N LEU A 65 -5.18 12.28 -23.13
CA LEU A 65 -4.14 12.57 -24.12
C LEU A 65 -3.75 14.04 -24.05
N GLY A 66 -2.46 14.30 -24.17
CA GLY A 66 -1.89 15.64 -24.12
C GLY A 66 -0.39 15.58 -24.14
N VAL A 67 0.24 16.75 -24.39
CA VAL A 67 1.70 16.91 -24.46
C VAL A 67 2.21 17.64 -23.19
N HIS A 68 3.05 16.93 -22.44
CA HIS A 68 3.70 17.31 -21.18
C HIS A 68 4.77 18.40 -21.39
N PRO A 69 4.97 19.34 -20.41
CA PRO A 69 6.00 20.40 -20.59
C PRO A 69 7.45 19.91 -20.83
N VAL A 70 7.78 18.67 -20.40
CA VAL A 70 9.12 18.10 -20.56
C VAL A 70 9.03 16.96 -21.60
N GLN A 71 9.98 16.93 -22.57
CA GLN A 71 10.00 15.93 -23.64
C GLN A 71 11.32 15.14 -23.72
N ARG A 79 14.74 18.10 -21.94
CA ARG A 79 14.27 18.98 -23.02
C ARG A 79 12.88 19.59 -22.72
N SER A 80 12.72 20.89 -22.95
CA SER A 80 11.44 21.61 -22.81
C SER A 80 10.56 21.35 -24.05
N VAL A 81 9.23 21.39 -23.89
CA VAL A 81 8.28 21.14 -24.98
C VAL A 81 8.37 22.26 -26.04
N THR A 82 8.02 21.93 -27.29
CA THR A 82 7.98 22.88 -28.40
C THR A 82 6.58 22.85 -29.02
N LEU A 83 6.24 23.88 -29.81
CA LEU A 83 4.96 23.95 -30.51
C LEU A 83 4.85 22.82 -31.53
N LYS A 84 6.00 22.43 -32.14
CA LYS A 84 6.15 21.33 -33.09
C LYS A 84 5.73 19.99 -32.45
N ASP A 85 6.01 19.79 -31.15
CA ASP A 85 5.62 18.61 -30.39
C ASP A 85 4.09 18.52 -30.23
N LEU A 86 3.42 19.69 -30.10
CA LEU A 86 1.96 19.78 -29.95
C LEU A 86 1.27 19.60 -31.29
N ASP A 87 1.89 20.09 -32.39
CA ASP A 87 1.35 19.99 -33.76
C ASP A 87 1.12 18.54 -34.20
N VAL A 88 2.07 17.64 -33.85
CA VAL A 88 2.04 16.21 -34.18
C VAL A 88 0.89 15.53 -33.41
N ALA A 89 0.61 15.97 -32.16
CA ALA A 89 -0.38 15.45 -31.23
C ALA A 89 -1.85 15.82 -31.51
N LEU A 90 -2.11 17.00 -32.07
CA LEU A 90 -3.45 17.54 -32.34
C LEU A 90 -4.34 16.64 -33.24
N PRO A 91 -3.87 16.11 -34.40
CA PRO A 91 -4.77 15.25 -35.19
C PRO A 91 -5.18 13.97 -34.42
N ILE A 92 -4.26 13.36 -33.63
CA ILE A 92 -4.53 12.13 -32.86
C ILE A 92 -5.61 12.40 -31.79
N ILE A 93 -5.49 13.51 -31.00
CA ILE A 93 -6.46 13.89 -29.96
C ILE A 93 -7.85 14.09 -30.61
N GLU A 94 -7.90 14.77 -31.77
CA GLU A 94 -9.13 15.01 -32.52
C GLU A 94 -9.80 13.70 -32.93
N ASN A 95 -9.00 12.67 -33.27
CA ASN A 95 -9.50 11.36 -33.66
C ASN A 95 -10.12 10.62 -32.46
N TYR A 96 -9.65 10.90 -31.22
CA TYR A 96 -10.16 10.22 -30.02
C TYR A 96 -10.94 11.12 -29.06
N LYS A 97 -11.24 12.37 -29.47
CA LYS A 97 -11.96 13.39 -28.69
C LYS A 97 -13.13 12.83 -27.84
N ASP A 98 -13.98 12.00 -28.45
CA ASP A 98 -15.16 11.45 -27.77
C ASP A 98 -14.82 10.38 -26.74
N ARG A 99 -13.68 9.68 -26.90
CA ARG A 99 -13.26 8.59 -26.02
C ARG A 99 -12.40 9.03 -24.81
N LEU A 100 -11.95 10.31 -24.75
CA LEU A 100 -11.10 10.81 -23.68
C LEU A 100 -11.86 11.30 -22.43
N LEU A 101 -11.25 11.08 -21.25
CA LEU A 101 -11.79 11.53 -19.97
C LEU A 101 -11.35 12.97 -19.70
N ALA A 102 -10.12 13.35 -20.17
CA ALA A 102 -9.52 14.67 -19.97
C ALA A 102 -8.33 14.88 -20.93
N ILE A 103 -7.72 16.09 -20.90
CA ILE A 103 -6.53 16.42 -21.70
C ILE A 103 -5.34 16.06 -20.78
N GLY A 104 -4.67 14.98 -21.18
CA GLY A 104 -3.68 14.15 -20.49
C GLY A 104 -2.26 14.58 -20.24
N GLU A 105 -2.09 15.24 -19.12
CA GLU A 105 -0.87 15.80 -18.57
C GLU A 105 -0.24 16.84 -19.48
N VAL A 106 -0.67 18.03 -19.16
CA VAL A 106 -0.32 19.31 -19.71
C VAL A 106 0.19 20.14 -18.54
N GLY A 107 0.80 21.27 -18.81
CA GLY A 107 1.24 22.14 -17.74
C GLY A 107 2.58 22.77 -17.94
N LEU A 108 3.15 23.22 -16.82
CA LEU A 108 4.44 23.91 -16.80
C LEU A 108 5.41 23.22 -15.88
N ASP A 109 6.69 23.29 -16.22
CA ASP A 109 7.77 22.79 -15.40
C ASP A 109 8.92 23.80 -15.45
N PHE A 110 9.00 24.66 -14.43
CA PHE A 110 10.02 25.69 -14.39
C PHE A 110 11.23 25.28 -13.54
N SER A 111 11.69 24.02 -13.73
CA SER A 111 12.88 23.49 -13.09
C SER A 111 14.11 24.14 -13.74
N PRO A 112 15.20 24.44 -12.99
CA PRO A 112 16.34 25.13 -13.61
C PRO A 112 16.93 24.43 -14.84
N ARG A 113 17.07 23.09 -14.78
CA ARG A 113 17.63 22.22 -15.82
C ARG A 113 16.81 22.22 -17.12
N PHE A 114 15.48 22.00 -17.01
CA PHE A 114 14.54 21.93 -18.13
C PHE A 114 14.24 23.30 -18.77
N ALA A 115 13.78 24.30 -17.97
CA ALA A 115 13.41 25.62 -18.46
C ALA A 115 14.05 26.78 -17.67
N GLY A 116 15.25 27.16 -18.10
CA GLY A 116 16.02 28.27 -17.56
C GLY A 116 15.84 29.54 -18.37
N THR A 117 15.80 29.42 -19.71
CA THR A 117 15.62 30.48 -20.72
C THR A 117 14.17 30.99 -20.72
N GLY A 118 14.02 32.31 -20.87
CA GLY A 118 12.73 32.99 -20.96
C GLY A 118 11.90 32.54 -22.15
N GLU A 119 12.59 32.14 -23.24
CA GLU A 119 12.00 31.61 -24.47
C GLU A 119 11.42 30.21 -24.23
N GLN A 120 12.12 29.38 -23.43
CA GLN A 120 11.70 28.03 -23.07
C GLN A 120 10.44 28.09 -22.21
N LYS A 121 10.40 29.06 -21.27
CA LYS A 121 9.28 29.31 -20.37
C LYS A 121 8.04 29.75 -21.18
N GLU A 122 8.23 30.57 -22.23
CA GLU A 122 7.14 31.02 -23.09
C GLU A 122 6.68 29.90 -24.03
N GLU A 123 7.60 29.04 -24.51
CA GLU A 123 7.24 27.91 -25.37
C GLU A 123 6.28 26.99 -24.59
N GLN A 124 6.62 26.64 -23.33
CA GLN A 124 5.79 25.85 -22.44
C GLN A 124 4.41 26.51 -22.25
N ARG A 125 4.42 27.81 -21.89
CA ARG A 125 3.27 28.68 -21.70
C ARG A 125 2.33 28.56 -22.94
N GLN A 126 2.88 28.72 -24.16
CA GLN A 126 2.16 28.62 -25.43
C GLN A 126 1.53 27.26 -25.68
N VAL A 127 2.26 26.17 -25.39
CA VAL A 127 1.82 24.78 -25.57
C VAL A 127 0.66 24.48 -24.60
N LEU A 128 0.74 24.99 -23.35
CA LEU A 128 -0.31 24.81 -22.34
C LEU A 128 -1.58 25.58 -22.73
N ILE A 129 -1.43 26.87 -23.12
CA ILE A 129 -2.53 27.77 -23.48
C ILE A 129 -3.39 27.09 -24.58
N ARG A 130 -2.73 26.54 -25.63
CA ARG A 130 -3.42 25.88 -26.74
C ARG A 130 -4.19 24.65 -26.28
N GLN A 131 -3.63 23.88 -25.33
CA GLN A 131 -4.27 22.68 -24.80
C GLN A 131 -5.45 23.02 -23.85
N ILE A 132 -5.37 24.19 -23.13
CA ILE A 132 -6.47 24.68 -22.31
C ILE A 132 -7.64 25.06 -23.26
N GLN A 133 -7.30 25.70 -24.39
CA GLN A 133 -8.22 26.11 -25.45
C GLN A 133 -8.84 24.88 -26.14
N LEU A 134 -8.01 23.86 -26.41
CA LEU A 134 -8.44 22.60 -27.02
C LEU A 134 -9.42 21.90 -26.08
N ALA A 135 -9.07 21.80 -24.78
CA ALA A 135 -9.91 21.18 -23.74
C ALA A 135 -11.27 21.89 -23.62
N LYS A 136 -11.26 23.23 -23.62
CA LYS A 136 -12.48 24.03 -23.54
C LYS A 136 -13.41 23.74 -24.75
N ARG A 137 -12.83 23.57 -25.94
CA ARG A 137 -13.58 23.25 -27.17
C ARG A 137 -14.17 21.84 -27.14
N LEU A 138 -13.35 20.83 -26.73
CA LEU A 138 -13.79 19.43 -26.65
C LEU A 138 -14.60 19.15 -25.37
N ASN A 139 -14.81 20.19 -24.53
CA ASN A 139 -15.55 20.16 -23.25
C ASN A 139 -14.94 19.09 -22.32
N LEU A 140 -13.60 19.13 -22.18
CA LEU A 140 -12.86 18.18 -21.37
C LEU A 140 -12.08 18.84 -20.24
N PRO A 141 -11.94 18.18 -19.07
CA PRO A 141 -11.08 18.73 -18.00
C PRO A 141 -9.58 18.67 -18.37
N VAL A 142 -8.74 19.35 -17.59
CA VAL A 142 -7.28 19.30 -17.78
C VAL A 142 -6.63 18.59 -16.58
N ASN A 143 -5.72 17.65 -16.87
CA ASN A 143 -4.95 16.91 -15.87
C ASN A 143 -3.57 17.57 -15.92
N VAL A 144 -3.24 18.40 -14.89
CA VAL A 144 -2.12 19.34 -14.94
C VAL A 144 -0.90 19.07 -14.01
N HIS A 145 0.27 19.32 -14.60
CA HIS A 145 1.63 19.34 -14.07
C HIS A 145 2.01 20.79 -13.78
N SER A 146 2.72 21.07 -12.67
CA SER A 146 3.08 22.45 -12.33
C SER A 146 4.37 22.56 -11.50
N ARG A 147 5.33 21.61 -11.68
CA ARG A 147 6.60 21.55 -10.95
C ARG A 147 7.35 22.87 -11.06
N SER A 148 7.64 23.49 -9.90
CA SER A 148 8.35 24.79 -9.75
C SER A 148 7.62 25.93 -10.50
N ALA A 149 6.33 25.76 -10.81
CA ALA A 149 5.54 26.74 -11.55
C ALA A 149 4.08 26.78 -11.09
N GLY A 150 3.85 26.59 -9.78
CA GLY A 150 2.52 26.61 -9.16
C GLY A 150 1.66 27.84 -9.45
N ARG A 151 2.17 29.04 -9.14
CA ARG A 151 1.46 30.31 -9.38
C ARG A 151 1.38 30.57 -10.91
N PRO A 152 2.50 30.46 -11.68
CA PRO A 152 2.39 30.64 -13.15
C PRO A 152 1.29 29.77 -13.78
N THR A 153 1.16 28.49 -13.38
CA THR A 153 0.16 27.55 -13.90
C THR A 153 -1.26 27.98 -13.49
N ILE A 154 -1.50 28.17 -12.19
CA ILE A 154 -2.81 28.58 -11.69
C ILE A 154 -3.28 29.91 -12.36
N ASN A 155 -2.39 30.92 -12.43
CA ASN A 155 -2.79 32.20 -13.04
C ASN A 155 -3.23 32.01 -14.50
N LEU A 156 -2.39 31.31 -15.29
CA LEU A 156 -2.63 30.96 -16.69
C LEU A 156 -3.96 30.20 -16.86
N LEU A 157 -4.26 29.23 -15.95
CA LEU A 157 -5.50 28.46 -15.96
C LEU A 157 -6.71 29.36 -15.72
N GLN A 158 -6.57 30.33 -14.79
CA GLN A 158 -7.62 31.29 -14.46
C GLN A 158 -7.87 32.21 -15.64
N GLU A 159 -6.79 32.77 -16.21
CA GLU A 159 -6.80 33.66 -17.36
C GLU A 159 -7.50 33.04 -18.56
N GLN A 160 -7.25 31.75 -18.79
CA GLN A 160 -7.79 30.99 -19.91
C GLN A 160 -9.20 30.41 -19.63
N GLY A 161 -9.71 30.68 -18.43
CA GLY A 161 -11.05 30.29 -18.02
C GLY A 161 -11.32 28.82 -17.86
N ALA A 162 -10.30 28.05 -17.44
CA ALA A 162 -10.41 26.62 -17.20
C ALA A 162 -11.45 26.33 -16.09
N GLU A 163 -12.38 25.40 -16.37
CA GLU A 163 -13.46 25.05 -15.45
C GLU A 163 -13.10 23.84 -14.62
N LYS A 164 -12.86 22.68 -15.26
CA LYS A 164 -12.52 21.43 -14.55
C LYS A 164 -11.00 21.18 -14.64
N VAL A 165 -10.29 21.33 -13.51
CA VAL A 165 -8.83 21.21 -13.47
C VAL A 165 -8.39 20.36 -12.29
N LEU A 166 -7.37 19.52 -12.54
CA LEU A 166 -6.67 18.71 -11.55
C LEU A 166 -5.21 19.15 -11.52
N LEU A 167 -4.77 19.70 -10.38
CA LEU A 167 -3.38 20.05 -10.16
C LEU A 167 -2.76 18.81 -9.48
N HIS A 168 -2.13 17.95 -10.29
CA HIS A 168 -1.53 16.70 -9.85
C HIS A 168 -0.20 16.96 -9.15
N ALA A 169 0.05 16.23 -8.05
CA ALA A 169 1.25 16.25 -7.21
C ALA A 169 1.80 17.67 -7.04
N PHE A 170 0.94 18.58 -6.55
CA PHE A 170 1.27 19.98 -6.35
C PHE A 170 2.53 20.15 -5.51
N ASP A 171 3.60 20.57 -6.18
CA ASP A 171 4.94 20.82 -5.65
C ASP A 171 5.06 22.32 -5.47
N GLY A 172 4.32 22.81 -4.47
CA GLY A 172 4.22 24.24 -4.17
C GLY A 172 3.70 24.53 -2.78
N ARG A 173 3.77 25.81 -2.38
CA ARG A 173 3.37 26.30 -1.05
C ARG A 173 1.82 26.24 -0.87
N PRO A 174 1.32 26.06 0.39
CA PRO A 174 -0.14 26.01 0.59
C PRO A 174 -0.88 27.31 0.28
N SER A 175 -0.19 28.47 0.36
CA SER A 175 -0.78 29.78 0.05
C SER A 175 -1.14 29.85 -1.45
N VAL A 176 -0.27 29.26 -2.29
CA VAL A 176 -0.42 29.16 -3.75
C VAL A 176 -1.56 28.14 -4.07
N ALA A 177 -1.61 27.03 -3.30
CA ALA A 177 -2.63 25.99 -3.43
C ALA A 177 -4.03 26.55 -3.09
N MET A 178 -4.11 27.46 -2.09
CA MET A 178 -5.36 28.10 -1.69
C MET A 178 -5.97 28.91 -2.83
N GLU A 179 -5.12 29.47 -3.73
CA GLU A 179 -5.57 30.19 -4.92
C GLU A 179 -6.34 29.24 -5.84
N GLY A 180 -5.84 28.00 -5.93
CA GLY A 180 -6.45 26.95 -6.71
C GLY A 180 -7.77 26.45 -6.14
N VAL A 181 -7.88 26.32 -4.79
CA VAL A 181 -9.11 25.82 -4.16
C VAL A 181 -10.24 26.84 -4.40
N ARG A 182 -9.93 28.14 -4.31
CA ARG A 182 -10.88 29.23 -4.52
C ARG A 182 -11.32 29.28 -5.99
N ALA A 183 -10.41 28.91 -6.92
CA ALA A 183 -10.66 28.84 -8.37
C ALA A 183 -11.48 27.57 -8.72
N GLY A 184 -11.73 26.72 -7.71
CA GLY A 184 -12.48 25.49 -7.83
C GLY A 184 -11.69 24.33 -8.39
N TYR A 185 -10.35 24.42 -8.32
CA TYR A 185 -9.47 23.39 -8.84
C TYR A 185 -9.31 22.26 -7.83
N PHE A 186 -8.98 21.06 -8.33
CA PHE A 186 -8.76 19.85 -7.51
C PHE A 186 -7.25 19.54 -7.42
N PHE A 187 -6.87 18.86 -6.34
CA PHE A 187 -5.48 18.52 -6.05
C PHE A 187 -5.37 17.05 -5.75
N SER A 188 -4.54 16.33 -6.52
CA SER A 188 -4.39 14.90 -6.23
C SER A 188 -3.14 14.67 -5.37
N ILE A 189 -3.20 13.66 -4.48
CA ILE A 189 -2.13 13.39 -3.54
C ILE A 189 -1.48 12.03 -3.84
N PRO A 190 -0.14 12.00 -4.16
CA PRO A 190 0.52 10.71 -4.44
C PRO A 190 1.04 10.05 -3.14
N PRO A 191 1.33 8.72 -3.10
CA PRO A 191 1.76 8.10 -1.84
C PRO A 191 3.15 8.55 -1.36
N SER A 192 3.86 9.40 -2.16
CA SER A 192 5.16 9.98 -1.82
C SER A 192 5.02 11.05 -0.71
N ILE A 193 3.76 11.37 -0.33
CA ILE A 193 3.39 12.29 0.74
C ILE A 193 3.95 11.78 2.10
N ILE A 194 4.14 10.45 2.25
CA ILE A 194 4.59 9.84 3.51
C ILE A 194 6.08 10.06 3.73
N ARG A 195 6.81 10.43 2.65
CA ARG A 195 8.25 10.72 2.73
C ARG A 195 8.56 12.21 2.47
N SER A 196 7.59 12.98 1.91
CA SER A 196 7.70 14.39 1.50
C SER A 196 7.01 15.37 2.46
N GLY A 197 7.83 16.22 3.11
CA GLY A 197 7.39 17.30 4.00
C GLY A 197 6.59 18.39 3.30
N GLN A 198 6.95 18.73 2.03
CA GLN A 198 6.21 19.72 1.23
C GLN A 198 4.74 19.25 1.02
N LYS A 199 4.54 18.00 0.55
CA LYS A 199 3.21 17.40 0.35
C LYS A 199 2.43 17.27 1.68
N GLN A 200 3.15 17.27 2.83
CA GLN A 200 2.58 17.13 4.16
C GLN A 200 1.90 18.42 4.62
N LYS A 201 2.56 19.58 4.42
CA LYS A 201 2.04 20.93 4.77
C LYS A 201 0.83 21.30 3.90
N LEU A 202 0.83 20.78 2.65
CA LEU A 202 -0.20 20.94 1.62
C LEU A 202 -1.56 20.36 2.06
N VAL A 203 -1.59 19.04 2.35
CA VAL A 203 -2.75 18.25 2.78
C VAL A 203 -3.33 18.81 4.08
N LYS A 204 -2.43 19.31 4.96
CA LYS A 204 -2.79 19.93 6.23
C LYS A 204 -3.83 21.04 5.98
N GLN A 205 -3.49 21.99 5.11
CA GLN A 205 -4.34 23.13 4.77
C GLN A 205 -5.51 22.81 3.82
N LEU A 206 -5.30 21.91 2.87
CA LEU A 206 -6.24 21.56 1.81
C LEU A 206 -7.57 20.95 2.29
N PRO A 207 -8.74 21.55 1.93
CA PRO A 207 -10.02 20.93 2.33
C PRO A 207 -10.25 19.62 1.58
N LEU A 208 -10.86 18.62 2.27
CA LEU A 208 -11.11 17.27 1.71
C LEU A 208 -12.03 17.32 0.49
N THR A 209 -12.91 18.35 0.42
CA THR A 209 -13.82 18.59 -0.70
C THR A 209 -13.06 18.97 -2.00
N SER A 210 -11.74 19.28 -1.90
CA SER A 210 -10.88 19.66 -3.03
C SER A 210 -9.75 18.62 -3.27
N ILE A 211 -9.72 17.51 -2.47
CA ILE A 211 -8.69 16.47 -2.54
C ILE A 211 -9.17 15.26 -3.38
N CYS A 212 -8.24 14.72 -4.16
CA CYS A 212 -8.39 13.52 -4.99
C CYS A 212 -7.16 12.64 -4.75
N LEU A 213 -7.21 11.39 -5.18
CA LEU A 213 -6.06 10.51 -4.99
C LEU A 213 -5.39 10.21 -6.31
N GLU A 214 -4.06 10.07 -6.27
CA GLU A 214 -3.24 9.68 -7.42
C GLU A 214 -2.06 8.82 -6.94
N THR A 215 -1.31 8.25 -7.89
CA THR A 215 -0.07 7.54 -7.58
C THR A 215 1.05 8.16 -8.36
N ASP A 216 0.73 8.53 -9.61
CA ASP A 216 1.64 9.01 -10.64
C ASP A 216 2.58 7.85 -11.05
N SER A 217 2.08 6.59 -10.93
CA SER A 217 2.79 5.37 -11.27
C SER A 217 3.40 5.51 -12.66
N PRO A 218 4.70 5.20 -12.87
CA PRO A 218 5.64 4.50 -11.98
C PRO A 218 6.37 5.38 -10.94
N ALA A 219 6.16 6.70 -10.99
CA ALA A 219 6.83 7.64 -10.09
C ALA A 219 6.02 7.92 -8.82
N LEU A 220 6.62 8.74 -7.92
CA LEU A 220 6.10 9.31 -6.68
C LEU A 220 5.51 8.26 -5.75
N GLY A 221 6.27 7.19 -5.57
CA GLY A 221 5.91 6.10 -4.68
C GLY A 221 6.31 6.35 -3.23
N PRO A 222 6.02 5.37 -2.33
CA PRO A 222 6.43 5.53 -0.92
C PRO A 222 7.94 5.55 -0.74
N GLU A 223 8.67 4.96 -1.70
CA GLU A 223 10.13 4.87 -1.69
C GLU A 223 10.72 5.47 -2.96
N LYS A 224 11.76 6.29 -2.81
CA LYS A 224 12.46 6.91 -3.95
C LYS A 224 13.23 5.84 -4.71
N GLN A 225 13.25 5.95 -6.05
CA GLN A 225 13.94 5.04 -6.99
C GLN A 225 13.42 3.60 -6.89
N VAL A 226 12.15 3.44 -6.45
CA VAL A 226 11.47 2.15 -6.35
C VAL A 226 10.14 2.32 -7.10
N ARG A 227 9.83 1.44 -8.09
CA ARG A 227 8.61 1.55 -8.90
C ARG A 227 7.33 1.66 -8.09
N ASN A 228 6.51 2.69 -8.44
CA ASN A 228 5.20 2.92 -7.83
C ASN A 228 4.10 2.24 -8.65
N GLU A 229 3.12 1.64 -7.96
CA GLU A 229 2.02 0.94 -8.63
C GLU A 229 0.66 1.51 -8.16
N PRO A 230 -0.42 1.41 -8.99
CA PRO A 230 -1.70 2.03 -8.64
C PRO A 230 -2.35 1.55 -7.32
N TRP A 231 -1.99 0.36 -6.82
CA TRP A 231 -2.55 -0.11 -5.55
C TRP A 231 -2.09 0.75 -4.36
N ASN A 232 -1.02 1.58 -4.53
CA ASN A 232 -0.48 2.44 -3.47
C ASN A 232 -1.37 3.67 -3.23
N ILE A 233 -2.51 3.72 -3.90
CA ILE A 233 -3.51 4.77 -3.77
C ILE A 233 -4.15 4.71 -2.36
N SER A 234 -4.13 3.53 -1.71
CA SER A 234 -4.62 3.35 -0.35
C SER A 234 -3.68 4.02 0.66
N ILE A 235 -2.35 4.04 0.38
CA ILE A 235 -1.36 4.70 1.23
C ILE A 235 -1.72 6.20 1.30
N SER A 236 -2.06 6.82 0.14
CA SER A 236 -2.49 8.23 0.06
C SER A 236 -3.71 8.44 0.94
N ALA A 237 -4.74 7.58 0.79
CA ALA A 237 -5.99 7.63 1.53
C ALA A 237 -5.75 7.52 3.03
N GLU A 238 -4.81 6.64 3.44
CA GLU A 238 -4.45 6.41 4.83
C GLU A 238 -3.77 7.63 5.45
N TYR A 239 -2.82 8.24 4.72
CA TYR A 239 -2.11 9.44 5.18
C TYR A 239 -3.11 10.60 5.44
N ILE A 240 -4.03 10.86 4.50
CA ILE A 240 -5.02 11.93 4.58
C ILE A 240 -5.97 11.69 5.77
N ALA A 241 -6.46 10.45 5.94
CA ALA A 241 -7.35 10.04 7.02
C ALA A 241 -6.77 10.38 8.40
N GLN A 242 -5.51 9.99 8.64
CA GLN A 242 -4.80 10.21 9.91
C GLN A 242 -4.58 11.70 10.20
N VAL A 243 -4.12 12.45 9.19
CA VAL A 243 -3.83 13.88 9.24
C VAL A 243 -5.14 14.69 9.46
N LYS A 244 -6.24 14.25 8.85
CA LYS A 244 -7.55 14.92 8.98
C LYS A 244 -8.33 14.40 10.20
N GLY A 245 -7.80 13.38 10.86
CA GLY A 245 -8.40 12.74 12.03
C GLY A 245 -9.77 12.16 11.78
N ILE A 246 -9.97 11.59 10.58
CA ILE A 246 -11.22 11.00 10.13
C ILE A 246 -11.02 9.54 9.63
N SER A 247 -12.13 8.87 9.33
CA SER A 247 -12.17 7.51 8.80
C SER A 247 -11.57 7.47 7.39
N VAL A 248 -10.92 6.34 7.04
CA VAL A 248 -10.35 6.10 5.70
C VAL A 248 -11.49 5.97 4.70
N GLU A 249 -12.65 5.41 5.14
CA GLU A 249 -13.83 5.26 4.29
C GLU A 249 -14.38 6.64 3.92
N GLU A 250 -14.30 7.63 4.84
CA GLU A 250 -14.73 8.99 4.53
C GLU A 250 -13.84 9.57 3.41
N VAL A 251 -12.51 9.35 3.48
CA VAL A 251 -11.54 9.81 2.48
C VAL A 251 -11.87 9.14 1.13
N ILE A 252 -12.06 7.81 1.11
CA ILE A 252 -12.39 7.01 -0.08
C ILE A 252 -13.71 7.51 -0.71
N GLU A 253 -14.75 7.75 0.10
CA GLU A 253 -16.05 8.19 -0.39
C GLU A 253 -16.00 9.62 -0.98
N VAL A 254 -15.35 10.57 -0.27
CA VAL A 254 -15.27 11.99 -0.69
C VAL A 254 -14.35 12.17 -1.89
N THR A 255 -13.13 11.59 -1.88
CA THR A 255 -12.19 11.74 -3.00
C THR A 255 -12.74 11.12 -4.29
N THR A 256 -13.48 9.99 -4.20
CA THR A 256 -14.09 9.33 -5.35
C THR A 256 -15.28 10.19 -5.85
N GLN A 257 -15.99 10.86 -4.92
CA GLN A 257 -17.09 11.78 -5.28
C GLN A 257 -16.52 13.01 -5.98
N ASN A 258 -15.35 13.50 -5.52
CA ASN A 258 -14.60 14.62 -6.08
C ASN A 258 -14.10 14.28 -7.47
N ALA A 259 -13.67 13.02 -7.69
CA ALA A 259 -13.21 12.53 -8.99
C ALA A 259 -14.36 12.53 -10.01
N LEU A 260 -15.58 12.21 -9.54
CA LEU A 260 -16.78 12.18 -10.38
C LEU A 260 -17.22 13.60 -10.76
N LYS A 261 -16.95 14.60 -9.91
CA LYS A 261 -17.25 16.02 -10.15
C LYS A 261 -16.22 16.64 -11.13
N LEU A 262 -14.91 16.43 -10.83
CA LEU A 262 -13.77 16.89 -11.62
C LEU A 262 -13.84 16.30 -13.04
N PHE A 263 -14.07 14.97 -13.17
CA PHE A 263 -14.23 14.29 -14.47
C PHE A 263 -15.74 13.98 -14.73
N PRO A 264 -16.49 14.87 -15.43
CA PRO A 264 -17.92 14.59 -15.62
C PRO A 264 -18.25 13.33 -16.46
N LYS A 265 -17.32 12.88 -17.35
CA LYS A 265 -17.55 11.68 -18.18
C LYS A 265 -17.34 10.36 -17.42
N LEU A 266 -16.67 10.41 -16.25
CA LEU A 266 -16.31 9.27 -15.40
C LEU A 266 -17.50 8.39 -14.99
N ARG A 267 -18.58 8.99 -14.40
CA ARG A 267 -19.77 8.26 -13.95
C ARG A 267 -20.32 7.37 -15.05
N HIS A 268 -20.39 7.89 -16.28
CA HIS A 268 -20.89 7.16 -17.44
C HIS A 268 -19.86 6.14 -17.94
N LEU A 269 -18.57 6.55 -18.05
CA LEU A 269 -17.49 5.70 -18.56
C LEU A 269 -17.10 4.56 -17.58
N LEU A 270 -17.47 4.65 -16.26
CA LEU A 270 -17.14 3.62 -15.26
C LEU A 270 -18.01 2.37 -15.42
N GLY B 3 -11.06 7.82 13.29
CA GLY B 3 -10.13 6.76 12.92
C GLY B 3 -9.75 5.82 14.05
N VAL B 4 -9.12 4.64 13.75
CA VAL B 4 -8.74 3.65 14.78
C VAL B 4 -7.22 3.24 14.79
N GLY B 5 -6.60 3.19 13.60
CA GLY B 5 -5.21 2.80 13.33
C GLY B 5 -5.09 1.34 12.90
N LEU B 6 -4.04 1.03 12.12
CA LEU B 6 -3.79 -0.32 11.62
C LEU B 6 -2.71 -1.01 12.41
N VAL B 7 -2.86 -2.34 12.61
CA VAL B 7 -1.88 -3.15 13.35
C VAL B 7 -1.27 -4.22 12.44
N ASP B 8 0.05 -4.24 12.35
CA ASP B 8 0.77 -5.30 11.67
C ASP B 8 1.06 -6.36 12.72
N CYS B 9 0.25 -7.44 12.76
CA CYS B 9 0.34 -8.50 13.77
C CYS B 9 1.51 -9.44 13.54
N HIS B 10 2.26 -9.31 12.43
CA HIS B 10 3.38 -10.20 12.14
C HIS B 10 4.34 -9.59 11.14
N CYS B 11 5.57 -9.25 11.58
CA CYS B 11 6.59 -8.70 10.68
C CYS B 11 7.99 -8.90 11.28
N HIS B 12 9.02 -8.84 10.40
CA HIS B 12 10.44 -9.04 10.69
C HIS B 12 11.23 -7.76 10.41
N LEU B 13 11.18 -6.84 11.38
CA LEU B 13 11.86 -5.55 11.30
C LEU B 13 13.37 -5.73 11.50
N SER B 14 13.76 -6.77 12.26
CA SER B 14 15.15 -7.13 12.56
C SER B 14 15.84 -7.82 11.39
N ALA B 15 15.11 -8.09 10.28
CA ALA B 15 15.65 -8.75 9.08
C ALA B 15 16.78 -7.91 8.44
N PRO B 16 17.80 -8.59 7.85
CA PRO B 16 18.93 -7.83 7.24
C PRO B 16 18.49 -6.90 6.12
N ASP B 17 17.29 -7.11 5.57
CA ASP B 17 16.70 -6.32 4.49
C ASP B 17 16.37 -4.89 4.90
N PHE B 18 16.22 -4.65 6.21
CA PHE B 18 15.84 -3.36 6.78
C PHE B 18 16.96 -2.63 7.48
N ASP B 19 18.17 -3.25 7.59
CA ASP B 19 19.35 -2.71 8.27
C ASP B 19 19.73 -1.30 7.81
N ARG B 20 19.65 -1.04 6.48
CA ARG B 20 20.00 0.26 5.87
C ARG B 20 19.04 1.42 6.18
N ASP B 21 17.70 1.20 6.13
CA ASP B 21 16.70 2.27 6.26
C ASP B 21 15.55 2.02 7.26
N LEU B 22 15.70 1.12 8.25
CA LEU B 22 14.61 0.79 9.17
C LEU B 22 13.91 2.01 9.80
N ASP B 23 14.67 3.01 10.26
CA ASP B 23 14.08 4.20 10.88
C ASP B 23 13.26 5.00 9.87
N ASP B 24 13.73 5.12 8.61
CA ASP B 24 12.98 5.84 7.58
C ASP B 24 11.70 5.07 7.27
N VAL B 25 11.79 3.72 7.18
CA VAL B 25 10.67 2.79 6.94
C VAL B 25 9.63 2.92 8.08
N LEU B 26 10.09 2.95 9.35
CA LEU B 26 9.22 3.04 10.52
C LEU B 26 8.54 4.41 10.66
N GLU B 27 9.25 5.50 10.28
CA GLU B 27 8.67 6.84 10.34
C GLU B 27 7.61 6.98 9.26
N LYS B 28 7.92 6.47 8.05
CA LYS B 28 7.03 6.42 6.88
C LYS B 28 5.79 5.58 7.20
N ALA B 29 5.93 4.48 7.92
CA ALA B 29 4.82 3.63 8.34
C ALA B 29 3.86 4.37 9.29
N LYS B 30 4.39 5.23 10.18
CA LYS B 30 3.56 6.02 11.10
C LYS B 30 2.66 6.96 10.31
N LYS B 31 3.23 7.64 9.30
CA LYS B 31 2.51 8.58 8.42
C LYS B 31 1.41 7.86 7.60
N ALA B 32 1.62 6.55 7.31
CA ALA B 32 0.74 5.68 6.57
C ALA B 32 -0.39 5.06 7.44
N ASN B 33 -0.62 5.59 8.67
CA ASN B 33 -1.68 5.22 9.64
C ASN B 33 -1.49 3.81 10.25
N VAL B 34 -0.22 3.39 10.43
CA VAL B 34 0.13 2.14 11.11
C VAL B 34 0.38 2.49 12.60
N VAL B 35 -0.53 2.08 13.48
CA VAL B 35 -0.49 2.41 14.91
C VAL B 35 0.47 1.45 15.67
N ALA B 36 0.62 0.22 15.19
CA ALA B 36 1.46 -0.78 15.86
C ALA B 36 2.02 -1.84 14.90
N LEU B 37 3.23 -2.30 15.23
CA LEU B 37 3.97 -3.34 14.55
C LEU B 37 4.38 -4.42 15.53
N VAL B 38 4.00 -5.67 15.23
CA VAL B 38 4.34 -6.81 16.09
C VAL B 38 5.56 -7.51 15.46
N ALA B 39 6.76 -7.20 15.99
CA ALA B 39 8.04 -7.74 15.50
C ALA B 39 8.31 -9.12 16.09
N VAL B 40 8.48 -10.11 15.22
CA VAL B 40 8.73 -11.50 15.57
C VAL B 40 10.19 -11.86 15.30
N ALA B 41 10.66 -12.91 15.97
CA ALA B 41 12.00 -13.46 15.84
C ALA B 41 12.01 -14.75 15.02
N GLU B 42 13.21 -15.22 14.65
CA GLU B 42 13.39 -16.46 13.89
C GLU B 42 14.47 -17.29 14.56
N HIS B 43 15.53 -16.62 15.04
CA HIS B 43 16.69 -17.23 15.71
C HIS B 43 17.14 -16.35 16.89
N SER B 44 17.78 -16.98 17.88
CA SER B 44 18.25 -16.35 19.13
C SER B 44 19.23 -15.20 18.87
N GLY B 45 20.01 -15.31 17.78
CA GLY B 45 20.99 -14.31 17.37
C GLY B 45 20.47 -12.92 17.05
N GLU B 46 19.14 -12.77 16.89
CA GLU B 46 18.53 -11.48 16.58
C GLU B 46 17.56 -11.02 17.71
N PHE B 47 17.51 -11.75 18.82
CA PHE B 47 16.66 -11.41 19.97
C PHE B 47 17.02 -10.03 20.57
N GLU B 48 18.34 -9.75 20.70
CA GLU B 48 18.86 -8.51 21.25
C GLU B 48 18.46 -7.30 20.38
N LYS B 49 18.59 -7.44 19.05
CA LYS B 49 18.23 -6.48 18.01
C LYS B 49 16.72 -6.13 18.09
N ILE B 50 15.84 -7.14 18.31
CA ILE B 50 14.37 -7.00 18.44
C ILE B 50 14.05 -6.21 19.73
N MET B 51 14.69 -6.60 20.84
CA MET B 51 14.50 -5.96 22.14
C MET B 51 15.01 -4.52 22.14
N GLN B 52 16.18 -4.27 21.51
CA GLN B 52 16.74 -2.90 21.41
C GLN B 52 15.80 -2.00 20.60
N LEU B 53 15.23 -2.54 19.50
CA LEU B 53 14.27 -1.87 18.63
C LEU B 53 13.01 -1.48 19.38
N SER B 54 12.51 -2.37 20.24
CA SER B 54 11.29 -2.16 21.03
C SER B 54 11.51 -1.06 22.08
N GLU B 55 12.76 -0.88 22.55
CA GLU B 55 13.11 0.20 23.49
C GLU B 55 13.17 1.53 22.76
N ARG B 56 13.83 1.56 21.57
CA ARG B 56 13.95 2.73 20.71
C ARG B 56 12.55 3.22 20.24
N TYR B 57 11.67 2.29 19.81
CA TYR B 57 10.32 2.61 19.31
C TYR B 57 9.24 2.12 20.28
N ASN B 58 9.45 2.38 21.58
CA ASN B 58 8.59 1.99 22.70
C ASN B 58 7.10 2.30 22.44
N GLY B 59 6.27 1.28 22.55
CA GLY B 59 4.82 1.39 22.35
C GLY B 59 4.38 1.33 20.90
N PHE B 60 5.33 1.22 19.96
CA PHE B 60 5.03 1.17 18.53
C PHE B 60 5.55 -0.13 17.95
N VAL B 61 6.76 -0.54 18.34
CA VAL B 61 7.32 -1.84 17.97
C VAL B 61 7.10 -2.70 19.19
N LEU B 62 6.30 -3.75 19.02
CA LEU B 62 5.96 -4.69 20.10
C LEU B 62 6.72 -5.99 19.86
N PRO B 63 7.61 -6.37 20.79
CA PRO B 63 8.48 -7.55 20.55
C PRO B 63 7.88 -8.93 20.82
N CYS B 64 8.35 -9.92 20.02
CA CYS B 64 8.01 -11.35 20.08
C CYS B 64 9.31 -12.12 19.90
N LEU B 65 9.59 -13.05 20.83
CA LEU B 65 10.80 -13.87 20.76
C LEU B 65 10.41 -15.33 20.70
N GLY B 66 11.12 -16.09 19.86
CA GLY B 66 10.89 -17.49 19.65
C GLY B 66 11.77 -18.01 18.54
N VAL B 67 11.86 -19.36 18.43
CA VAL B 67 12.66 -20.08 17.45
C VAL B 67 11.74 -20.71 16.38
N HIS B 68 11.93 -20.26 15.14
CA HIS B 68 11.22 -20.61 13.92
C HIS B 68 11.56 -22.07 13.48
N PRO B 69 10.60 -22.83 12.85
CA PRO B 69 10.90 -24.21 12.41
C PRO B 69 12.07 -24.35 11.41
N VAL B 70 12.39 -23.28 10.65
CA VAL B 70 13.49 -23.28 9.67
C VAL B 70 14.64 -22.41 10.19
N GLN B 71 15.89 -22.91 10.13
CA GLN B 71 17.09 -22.20 10.62
C GLN B 71 18.19 -22.03 9.55
N GLY B 72 19.01 -20.99 9.72
CA GLY B 72 20.13 -20.68 8.81
C GLY B 72 19.85 -19.63 7.76
N LEU B 73 20.93 -18.95 7.28
CA LEU B 73 20.88 -17.90 6.23
C LEU B 73 22.26 -17.66 5.63
N ASP B 77 22.34 -21.66 3.48
CA ASP B 77 21.53 -22.86 3.26
C ASP B 77 20.66 -23.19 4.50
N GLN B 78 19.32 -23.26 4.27
CA GLN B 78 18.29 -23.50 5.28
C GLN B 78 18.25 -24.96 5.74
N ARG B 79 17.94 -25.16 7.03
CA ARG B 79 17.81 -26.47 7.68
C ARG B 79 16.64 -26.44 8.67
N SER B 80 16.16 -27.64 9.07
CA SER B 80 15.09 -27.77 10.06
C SER B 80 15.63 -27.41 11.46
N VAL B 81 14.76 -26.91 12.35
CA VAL B 81 15.13 -26.51 13.71
C VAL B 81 15.54 -27.75 14.54
N THR B 82 16.41 -27.53 15.54
CA THR B 82 16.85 -28.57 16.46
C THR B 82 16.52 -28.13 17.89
N LEU B 83 16.53 -29.09 18.83
CA LEU B 83 16.27 -28.81 20.25
C LEU B 83 17.36 -27.91 20.81
N LYS B 84 18.62 -28.11 20.34
CA LYS B 84 19.78 -27.29 20.71
C LYS B 84 19.53 -25.81 20.35
N ASP B 85 18.90 -25.52 19.17
CA ASP B 85 18.55 -24.14 18.74
C ASP B 85 17.61 -23.46 19.76
N LEU B 86 16.70 -24.25 20.38
CA LEU B 86 15.74 -23.75 21.36
C LEU B 86 16.44 -23.55 22.71
N ASP B 87 17.39 -24.44 23.07
CA ASP B 87 18.15 -24.39 24.32
C ASP B 87 18.91 -23.08 24.50
N VAL B 88 19.53 -22.56 23.42
CA VAL B 88 20.31 -21.31 23.38
C VAL B 88 19.37 -20.12 23.60
N ALA B 89 18.14 -20.22 23.10
CA ALA B 89 17.10 -19.19 23.15
C ALA B 89 16.49 -18.95 24.53
N LEU B 90 16.16 -20.04 25.24
CA LEU B 90 15.43 -20.06 26.52
C LEU B 90 15.98 -19.07 27.56
N PRO B 91 17.32 -18.96 27.82
CA PRO B 91 17.77 -17.98 28.82
C PRO B 91 17.47 -16.52 28.45
N ILE B 92 17.52 -16.18 27.14
CA ILE B 92 17.26 -14.83 26.63
C ILE B 92 15.77 -14.48 26.80
N ILE B 93 14.83 -15.40 26.39
CA ILE B 93 13.38 -15.21 26.50
C ILE B 93 13.01 -14.97 27.99
N GLU B 94 13.61 -15.76 28.90
CA GLU B 94 13.38 -15.65 30.34
C GLU B 94 13.78 -14.27 30.86
N ASN B 95 14.85 -13.68 30.30
CA ASN B 95 15.32 -12.36 30.69
C ASN B 95 14.35 -11.25 30.21
N TYR B 96 13.60 -11.50 29.11
CA TYR B 96 12.68 -10.50 28.57
C TYR B 96 11.19 -10.89 28.68
N LYS B 97 10.88 -11.99 29.40
CA LYS B 97 9.53 -12.55 29.59
C LYS B 97 8.42 -11.49 29.81
N ASP B 98 8.68 -10.49 30.67
CA ASP B 98 7.74 -9.44 31.04
C ASP B 98 7.56 -8.38 29.94
N ARG B 99 8.58 -8.20 29.08
CA ARG B 99 8.57 -7.20 28.00
C ARG B 99 7.99 -7.69 26.66
N LEU B 100 7.72 -9.00 26.52
CA LEU B 100 7.21 -9.59 25.27
C LEU B 100 5.68 -9.53 25.12
N LEU B 101 5.20 -9.34 23.85
CA LEU B 101 3.79 -9.34 23.51
C LEU B 101 3.30 -10.78 23.26
N ALA B 102 4.20 -11.66 22.74
CA ALA B 102 3.91 -13.06 22.41
C ALA B 102 5.19 -13.86 22.18
N ILE B 103 5.08 -15.18 21.93
CA ILE B 103 6.22 -16.05 21.63
C ILE B 103 6.34 -16.02 20.09
N GLY B 104 7.42 -15.36 19.67
CA GLY B 104 7.77 -14.86 18.35
C GLY B 104 8.22 -15.73 17.21
N GLU B 105 7.23 -16.20 16.48
CA GLU B 105 7.29 -17.07 15.30
C GLU B 105 7.93 -18.40 15.62
N VAL B 106 7.00 -19.27 15.92
CA VAL B 106 7.12 -20.67 16.26
C VAL B 106 6.22 -21.41 15.26
N GLY B 107 6.35 -22.72 15.21
CA GLY B 107 5.47 -23.49 14.34
C GLY B 107 6.12 -24.61 13.58
N LEU B 108 5.45 -25.03 12.52
CA LEU B 108 5.89 -26.14 11.68
C LEU B 108 6.04 -25.70 10.23
N ASP B 109 6.99 -26.32 9.54
CA ASP B 109 7.19 -26.12 8.13
C ASP B 109 7.49 -27.47 7.50
N PHE B 110 6.46 -28.09 6.91
CA PHE B 110 6.63 -29.42 6.31
C PHE B 110 6.85 -29.34 4.79
N SER B 111 7.74 -28.42 4.36
CA SER B 111 8.14 -28.27 2.97
C SER B 111 9.05 -29.46 2.62
N PRO B 112 9.01 -30.01 1.39
CA PRO B 112 9.81 -31.22 1.09
C PRO B 112 11.31 -31.06 1.35
N ARG B 113 11.87 -29.89 0.98
CA ARG B 113 13.29 -29.53 1.08
C ARG B 113 13.83 -29.54 2.54
N PHE B 114 13.10 -28.93 3.51
CA PHE B 114 13.53 -28.79 4.90
C PHE B 114 13.11 -29.94 5.85
N ALA B 115 11.84 -30.42 5.83
CA ALA B 115 11.38 -31.48 6.76
C ALA B 115 10.82 -32.75 6.06
N GLY B 116 11.67 -33.39 5.25
CA GLY B 116 11.31 -34.61 4.51
C GLY B 116 11.29 -35.83 5.40
N THR B 117 12.31 -35.94 6.29
CA THR B 117 12.53 -37.02 7.28
C THR B 117 11.52 -36.93 8.43
N GLY B 118 11.03 -38.10 8.87
CA GLY B 118 10.11 -38.22 9.99
C GLY B 118 10.70 -37.73 11.30
N GLU B 119 12.05 -37.83 11.43
CA GLU B 119 12.82 -37.36 12.59
C GLU B 119 12.86 -35.83 12.61
N GLN B 120 12.99 -35.20 11.43
CA GLN B 120 13.01 -33.75 11.25
C GLN B 120 11.64 -33.17 11.62
N LYS B 121 10.56 -33.86 11.22
CA LYS B 121 9.17 -33.50 11.50
C LYS B 121 8.90 -33.56 13.02
N GLU B 122 9.47 -34.57 13.71
CA GLU B 122 9.32 -34.72 15.15
C GLU B 122 10.19 -33.71 15.91
N GLU B 123 11.40 -33.37 15.40
CA GLU B 123 12.26 -32.34 16.01
C GLU B 123 11.49 -31.02 16.03
N GLN B 124 10.90 -30.59 14.88
CA GLN B 124 10.05 -29.39 14.76
C GLN B 124 8.89 -29.43 15.76
N ARG B 125 8.14 -30.55 15.76
CA ARG B 125 7.02 -30.79 16.66
C ARG B 125 7.44 -30.58 18.13
N GLN B 126 8.59 -31.17 18.56
CA GLN B 126 9.08 -31.03 19.94
C GLN B 126 9.47 -29.58 20.28
N VAL B 127 10.13 -28.88 19.35
CA VAL B 127 10.55 -27.48 19.52
C VAL B 127 9.29 -26.59 19.69
N LEU B 128 8.23 -26.86 18.91
CA LEU B 128 6.96 -26.12 19.00
C LEU B 128 6.24 -26.43 20.33
N ILE B 129 6.11 -27.71 20.72
CA ILE B 129 5.43 -28.18 21.93
C ILE B 129 6.01 -27.49 23.19
N ARG B 130 7.36 -27.40 23.27
CA ARG B 130 8.09 -26.75 24.37
C ARG B 130 7.80 -25.26 24.41
N GLN B 131 7.68 -24.63 23.24
CA GLN B 131 7.40 -23.21 23.14
C GLN B 131 5.96 -22.94 23.51
N ILE B 132 5.05 -23.88 23.28
CA ILE B 132 3.65 -23.70 23.70
C ILE B 132 3.65 -23.76 25.24
N GLN B 133 4.38 -24.73 25.82
CA GLN B 133 4.55 -24.88 27.27
C GLN B 133 5.17 -23.61 27.86
N LEU B 134 6.19 -23.05 27.21
CA LEU B 134 6.86 -21.82 27.65
C LEU B 134 5.86 -20.66 27.66
N ALA B 135 5.12 -20.49 26.53
CA ALA B 135 4.09 -19.47 26.35
C ALA B 135 2.99 -19.59 27.43
N LYS B 136 2.52 -20.83 27.71
CA LYS B 136 1.51 -21.09 28.73
C LYS B 136 2.01 -20.63 30.12
N ARG B 137 3.31 -20.87 30.44
CA ARG B 137 3.92 -20.48 31.71
C ARG B 137 4.03 -18.95 31.84
N LEU B 138 4.53 -18.28 30.77
CA LEU B 138 4.72 -16.84 30.77
C LEU B 138 3.41 -16.08 30.48
N ASN B 139 2.29 -16.83 30.28
CA ASN B 139 0.93 -16.36 29.99
C ASN B 139 0.97 -15.45 28.74
N LEU B 140 1.61 -15.97 27.67
CA LEU B 140 1.76 -15.25 26.41
C LEU B 140 1.12 -15.97 25.22
N PRO B 141 0.57 -15.22 24.23
CA PRO B 141 0.06 -15.89 23.00
C PRO B 141 1.21 -16.44 22.13
N VAL B 142 0.86 -17.23 21.12
CA VAL B 142 1.82 -17.76 20.15
C VAL B 142 1.55 -17.14 18.78
N ASN B 143 2.63 -16.67 18.13
CA ASN B 143 2.59 -16.10 16.77
C ASN B 143 3.16 -17.20 15.90
N VAL B 144 2.27 -17.91 15.13
CA VAL B 144 2.59 -19.19 14.49
C VAL B 144 2.68 -19.23 12.95
N HIS B 145 3.69 -20.00 12.50
CA HIS B 145 4.06 -20.43 11.15
C HIS B 145 3.50 -21.83 10.94
N SER B 146 2.92 -22.11 9.75
CA SER B 146 2.34 -23.43 9.45
C SER B 146 2.41 -23.80 7.93
N ARG B 147 3.53 -23.45 7.24
CA ARG B 147 3.74 -23.73 5.80
C ARG B 147 3.76 -25.24 5.55
N SER B 148 2.84 -25.71 4.68
CA SER B 148 2.64 -27.12 4.29
C SER B 148 2.34 -28.01 5.50
N ALA B 149 1.90 -27.42 6.63
CA ALA B 149 1.61 -28.15 7.87
C ALA B 149 0.41 -27.55 8.62
N GLY B 150 -0.59 -27.06 7.90
CA GLY B 150 -1.81 -26.47 8.45
C GLY B 150 -2.55 -27.29 9.48
N ARG B 151 -2.95 -28.53 9.11
CA ARG B 151 -3.65 -29.47 10.00
C ARG B 151 -2.70 -29.96 11.11
N PRO B 152 -1.44 -30.42 10.78
CA PRO B 152 -0.51 -30.80 11.86
C PRO B 152 -0.34 -29.72 12.94
N THR B 153 -0.23 -28.43 12.55
CA THR B 153 -0.06 -27.30 13.48
C THR B 153 -1.34 -27.08 14.32
N ILE B 154 -2.52 -26.96 13.67
CA ILE B 154 -3.84 -26.74 14.28
C ILE B 154 -4.20 -27.89 15.27
N ASN B 155 -3.85 -29.14 14.94
CA ASN B 155 -4.12 -30.29 15.82
C ASN B 155 -3.22 -30.24 17.06
N LEU B 156 -1.90 -30.06 16.86
CA LEU B 156 -0.86 -29.93 17.89
C LEU B 156 -1.22 -28.80 18.86
N LEU B 157 -1.68 -27.63 18.35
CA LEU B 157 -2.08 -26.48 19.17
C LEU B 157 -3.29 -26.83 20.04
N GLN B 158 -4.25 -27.58 19.48
CA GLN B 158 -5.46 -28.01 20.19
C GLN B 158 -5.08 -29.00 21.30
N GLU B 159 -4.29 -30.02 20.94
CA GLU B 159 -3.75 -31.07 21.81
C GLU B 159 -3.04 -30.48 23.03
N GLN B 160 -2.25 -29.41 22.81
CA GLN B 160 -1.45 -28.74 23.83
C GLN B 160 -2.25 -27.66 24.60
N GLY B 161 -3.53 -27.48 24.24
CA GLY B 161 -4.45 -26.56 24.88
C GLY B 161 -4.14 -25.07 24.76
N ALA B 162 -3.54 -24.67 23.62
CA ALA B 162 -3.18 -23.27 23.34
C ALA B 162 -4.42 -22.39 23.33
N GLU B 163 -4.36 -21.26 24.05
CA GLU B 163 -5.51 -20.35 24.21
C GLU B 163 -5.46 -19.21 23.19
N LYS B 164 -4.40 -18.37 23.23
CA LYS B 164 -4.28 -17.23 22.31
C LYS B 164 -3.28 -17.58 21.19
N VAL B 165 -3.81 -17.77 19.96
CA VAL B 165 -2.98 -18.18 18.83
C VAL B 165 -3.29 -17.37 17.59
N LEU B 166 -2.21 -17.01 16.86
CA LEU B 166 -2.25 -16.35 15.57
C LEU B 166 -1.61 -17.27 14.54
N LEU B 167 -2.41 -17.73 13.57
CA LEU B 167 -1.92 -18.51 12.44
C LEU B 167 -1.62 -17.49 11.34
N HIS B 168 -0.35 -17.08 11.26
CA HIS B 168 0.12 -16.09 10.30
C HIS B 168 0.24 -16.70 8.91
N ALA B 169 -0.18 -15.92 7.88
CA ALA B 169 -0.13 -16.24 6.45
C ALA B 169 -0.46 -17.71 6.19
N PHE B 170 -1.60 -18.15 6.76
CA PHE B 170 -2.05 -19.55 6.66
C PHE B 170 -2.15 -19.91 5.18
N ASP B 171 -1.28 -20.85 4.74
CA ASP B 171 -1.15 -21.27 3.35
C ASP B 171 -2.04 -22.47 3.00
N GLY B 172 -2.81 -22.95 3.98
CA GLY B 172 -3.70 -24.09 3.83
C GLY B 172 -5.10 -23.78 3.34
N ARG B 173 -5.87 -24.87 3.08
CA ARG B 173 -7.26 -24.92 2.60
C ARG B 173 -8.26 -24.28 3.60
N PRO B 174 -9.40 -23.73 3.14
CA PRO B 174 -10.36 -23.11 4.08
C PRO B 174 -11.03 -24.10 5.05
N SER B 175 -11.12 -25.38 4.67
CA SER B 175 -11.71 -26.43 5.52
C SER B 175 -10.84 -26.64 6.77
N VAL B 176 -9.49 -26.57 6.58
CA VAL B 176 -8.46 -26.69 7.63
C VAL B 176 -8.50 -25.42 8.50
N ALA B 177 -8.67 -24.24 7.87
CA ALA B 177 -8.77 -22.95 8.55
C ALA B 177 -10.01 -22.88 9.45
N MET B 178 -11.13 -23.50 9.02
CA MET B 178 -12.37 -23.54 9.79
C MET B 178 -12.17 -24.27 11.12
N GLU B 179 -11.26 -25.27 11.16
CA GLU B 179 -10.91 -25.98 12.38
C GLU B 179 -10.29 -25.00 13.38
N GLY B 180 -9.46 -24.08 12.88
CA GLY B 180 -8.82 -23.03 13.67
C GLY B 180 -9.80 -22.00 14.19
N VAL B 181 -10.80 -21.57 13.38
CA VAL B 181 -11.76 -20.55 13.80
C VAL B 181 -12.60 -21.09 14.97
N ARG B 182 -13.00 -22.39 14.90
CA ARG B 182 -13.77 -23.06 15.94
C ARG B 182 -12.95 -23.23 17.23
N ALA B 183 -11.63 -23.40 17.08
CA ALA B 183 -10.66 -23.50 18.19
C ALA B 183 -10.38 -22.12 18.82
N GLY B 184 -10.93 -21.06 18.20
CA GLY B 184 -10.81 -19.67 18.63
C GLY B 184 -9.51 -19.03 18.20
N TYR B 185 -8.86 -19.59 17.18
CA TYR B 185 -7.58 -19.07 16.68
C TYR B 185 -7.82 -17.92 15.71
N PHE B 186 -6.80 -17.04 15.58
CA PHE B 186 -6.83 -15.89 14.68
C PHE B 186 -5.95 -16.13 13.44
N PHE B 187 -6.27 -15.45 12.35
CA PHE B 187 -5.57 -15.60 11.06
C PHE B 187 -5.19 -14.23 10.51
N SER B 188 -3.88 -13.96 10.33
CA SER B 188 -3.48 -12.66 9.77
C SER B 188 -3.27 -12.78 8.25
N ILE B 189 -3.66 -11.73 7.50
CA ILE B 189 -3.63 -11.72 6.05
C ILE B 189 -2.53 -10.77 5.53
N PRO B 190 -1.55 -11.30 4.74
CA PRO B 190 -0.49 -10.42 4.21
C PRO B 190 -0.91 -9.77 2.89
N PRO B 191 -0.28 -8.67 2.41
CA PRO B 191 -0.73 -8.04 1.16
C PRO B 191 -0.48 -8.89 -0.10
N SER B 192 0.20 -10.04 0.02
CA SER B 192 0.41 -10.94 -1.13
C SER B 192 -0.91 -11.64 -1.54
N ILE B 193 -2.00 -11.41 -0.78
CA ILE B 193 -3.35 -11.90 -1.03
C ILE B 193 -3.86 -11.42 -2.43
N ILE B 194 -3.42 -10.22 -2.90
CA ILE B 194 -3.85 -9.67 -4.19
C ILE B 194 -3.20 -10.45 -5.35
N ARG B 195 -2.13 -11.22 -5.08
CA ARG B 195 -1.51 -12.03 -6.14
C ARG B 195 -1.69 -13.54 -5.90
N SER B 196 -2.12 -13.95 -4.67
CA SER B 196 -2.28 -15.36 -4.24
C SER B 196 -3.76 -15.83 -4.20
N GLY B 197 -4.11 -16.77 -5.09
CA GLY B 197 -5.43 -17.40 -5.18
C GLY B 197 -5.77 -18.22 -3.95
N GLN B 198 -4.77 -18.90 -3.36
CA GLN B 198 -4.97 -19.70 -2.15
C GLN B 198 -5.54 -18.81 -1.03
N LYS B 199 -4.86 -17.68 -0.70
CA LYS B 199 -5.26 -16.73 0.34
C LYS B 199 -6.59 -16.02 -0.02
N GLN B 200 -6.96 -16.02 -1.32
CA GLN B 200 -8.20 -15.42 -1.81
C GLN B 200 -9.42 -16.26 -1.37
N LYS B 201 -9.34 -17.61 -1.52
CA LYS B 201 -10.39 -18.55 -1.12
C LYS B 201 -10.56 -18.60 0.42
N LEU B 202 -9.45 -18.32 1.14
CA LEU B 202 -9.31 -18.27 2.59
C LEU B 202 -10.17 -17.16 3.21
N VAL B 203 -9.91 -15.89 2.85
CA VAL B 203 -10.63 -14.71 3.34
C VAL B 203 -12.10 -14.82 2.99
N LYS B 204 -12.42 -15.37 1.79
CA LYS B 204 -13.80 -15.58 1.33
C LYS B 204 -14.62 -16.27 2.44
N GLN B 205 -14.13 -17.43 2.94
CA GLN B 205 -14.78 -18.22 3.99
C GLN B 205 -14.59 -17.66 5.40
N LEU B 206 -13.40 -17.08 5.67
CA LEU B 206 -12.97 -16.61 6.98
C LEU B 206 -13.87 -15.48 7.59
N PRO B 207 -14.46 -15.66 8.82
CA PRO B 207 -15.25 -14.55 9.43
C PRO B 207 -14.31 -13.43 9.86
N LEU B 208 -14.72 -12.16 9.68
CA LEU B 208 -13.91 -11.00 10.00
C LEU B 208 -13.57 -10.97 11.49
N THR B 209 -14.45 -11.50 12.36
CA THR B 209 -14.21 -11.58 13.81
C THR B 209 -12.98 -12.47 14.15
N SER B 210 -12.44 -13.22 13.15
CA SER B 210 -11.27 -14.08 13.31
C SER B 210 -10.06 -13.62 12.43
N ILE B 211 -10.23 -12.48 11.71
CA ILE B 211 -9.21 -11.91 10.81
C ILE B 211 -8.40 -10.79 11.51
N CYS B 212 -7.08 -10.79 11.24
CA CYS B 212 -6.07 -9.83 11.65
C CYS B 212 -5.28 -9.41 10.42
N LEU B 213 -4.52 -8.32 10.51
CA LEU B 213 -3.69 -7.90 9.39
C LEU B 213 -2.22 -8.11 9.70
N GLU B 214 -1.44 -8.46 8.67
CA GLU B 214 0.02 -8.63 8.74
C GLU B 214 0.63 -8.21 7.42
N THR B 215 1.96 -8.14 7.38
CA THR B 215 2.67 -7.89 6.12
C THR B 215 3.66 -9.01 5.90
N ASP B 216 4.29 -9.45 7.01
CA ASP B 216 5.38 -10.42 7.09
C ASP B 216 6.64 -9.79 6.45
N SER B 217 6.74 -8.44 6.52
CA SER B 217 7.85 -7.65 5.99
C SER B 217 9.17 -8.28 6.47
N PRO B 218 10.17 -8.50 5.59
CA PRO B 218 10.30 -8.05 4.18
C PRO B 218 9.61 -8.94 3.13
N ALA B 219 9.03 -10.07 3.56
CA ALA B 219 8.37 -11.01 2.64
C ALA B 219 6.87 -10.73 2.47
N LEU B 220 6.24 -11.54 1.60
CA LEU B 220 4.82 -11.64 1.28
C LEU B 220 4.19 -10.32 0.94
N GLY B 221 4.89 -9.59 0.06
CA GLY B 221 4.44 -8.31 -0.45
C GLY B 221 3.49 -8.42 -1.62
N PRO B 222 3.03 -7.27 -2.17
CA PRO B 222 2.14 -7.30 -3.35
C PRO B 222 2.85 -7.86 -4.58
N GLU B 223 4.20 -7.76 -4.61
CA GLU B 223 5.03 -8.22 -5.72
C GLU B 223 6.07 -9.21 -5.23
N LYS B 224 6.22 -10.33 -5.97
CA LYS B 224 7.21 -11.37 -5.65
C LYS B 224 8.61 -10.83 -5.91
N GLN B 225 9.56 -11.19 -5.04
CA GLN B 225 10.99 -10.81 -5.08
C GLN B 225 11.18 -9.29 -5.01
N VAL B 226 10.22 -8.58 -4.39
CA VAL B 226 10.26 -7.11 -4.18
C VAL B 226 10.01 -6.89 -2.70
N ARG B 227 10.90 -6.11 -1.99
CA ARG B 227 10.79 -5.91 -0.54
C ARG B 227 9.42 -5.39 -0.10
N ASN B 228 8.84 -6.08 0.92
CA ASN B 228 7.57 -5.70 1.54
C ASN B 228 7.83 -4.82 2.77
N GLU B 229 7.00 -3.78 2.95
CA GLU B 229 7.13 -2.84 4.06
C GLU B 229 5.82 -2.76 4.86
N PRO B 230 5.87 -2.42 6.18
CA PRO B 230 4.65 -2.45 7.01
C PRO B 230 3.50 -1.53 6.56
N TRP B 231 3.77 -0.49 5.77
CA TRP B 231 2.70 0.36 5.27
C TRP B 231 1.75 -0.38 4.30
N ASN B 232 2.16 -1.57 3.78
CA ASN B 232 1.36 -2.37 2.85
C ASN B 232 0.22 -3.10 3.57
N ILE B 233 0.06 -2.84 4.86
CA ILE B 233 -1.00 -3.40 5.70
C ILE B 233 -2.36 -2.86 5.25
N SER B 234 -2.39 -1.66 4.59
CA SER B 234 -3.61 -1.07 4.04
C SER B 234 -4.09 -1.86 2.82
N ILE B 235 -3.15 -2.43 2.02
CA ILE B 235 -3.48 -3.25 0.85
C ILE B 235 -4.31 -4.45 1.34
N SER B 236 -3.87 -5.11 2.45
CA SER B 236 -4.58 -6.24 3.08
C SER B 236 -5.99 -5.81 3.45
N ALA B 237 -6.12 -4.67 4.16
CA ALA B 237 -7.38 -4.11 4.64
C ALA B 237 -8.32 -3.82 3.49
N GLU B 238 -7.77 -3.30 2.36
CA GLU B 238 -8.52 -2.96 1.14
C GLU B 238 -9.08 -4.22 0.47
N TYR B 239 -8.25 -5.27 0.34
CA TYR B 239 -8.66 -6.52 -0.27
C TYR B 239 -9.84 -7.15 0.50
N ILE B 240 -9.74 -7.22 1.83
CA ILE B 240 -10.75 -7.83 2.70
C ILE B 240 -12.07 -7.03 2.60
N ALA B 241 -12.01 -5.68 2.65
CA ALA B 241 -13.16 -4.78 2.54
C ALA B 241 -13.99 -5.05 1.30
N GLN B 242 -13.33 -5.12 0.14
CA GLN B 242 -13.97 -5.33 -1.17
C GLN B 242 -14.63 -6.72 -1.25
N VAL B 243 -13.90 -7.77 -0.83
CA VAL B 243 -14.32 -9.16 -0.84
C VAL B 243 -15.50 -9.38 0.15
N LYS B 244 -15.49 -8.68 1.30
CA LYS B 244 -16.55 -8.79 2.30
C LYS B 244 -17.70 -7.81 2.02
N GLY B 245 -17.52 -6.95 1.01
CA GLY B 245 -18.50 -5.94 0.60
C GLY B 245 -18.84 -4.95 1.70
N ILE B 246 -17.84 -4.59 2.53
CA ILE B 246 -17.97 -3.66 3.65
C ILE B 246 -16.95 -2.49 3.54
N SER B 247 -17.09 -1.50 4.44
CA SER B 247 -16.24 -0.34 4.55
C SER B 247 -14.82 -0.74 5.06
N VAL B 248 -13.75 -0.09 4.53
CA VAL B 248 -12.36 -0.33 4.92
C VAL B 248 -12.20 0.02 6.40
N GLU B 249 -12.94 1.04 6.88
CA GLU B 249 -12.92 1.46 8.28
C GLU B 249 -13.46 0.33 9.16
N GLU B 250 -14.48 -0.41 8.68
CA GLU B 250 -14.99 -1.56 9.44
C GLU B 250 -13.90 -2.63 9.60
N VAL B 251 -13.12 -2.91 8.52
CA VAL B 251 -12.01 -3.87 8.53
C VAL B 251 -10.94 -3.40 9.52
N ILE B 252 -10.53 -2.11 9.44
CA ILE B 252 -9.52 -1.48 10.31
C ILE B 252 -9.98 -1.57 11.78
N GLU B 253 -11.24 -1.24 12.08
CA GLU B 253 -11.77 -1.25 13.45
C GLU B 253 -11.83 -2.68 14.04
N VAL B 254 -12.38 -3.66 13.28
CA VAL B 254 -12.56 -5.05 13.73
C VAL B 254 -11.22 -5.78 13.85
N THR B 255 -10.33 -5.69 12.83
CA THR B 255 -9.04 -6.40 12.88
C THR B 255 -8.16 -5.88 14.03
N THR B 256 -8.21 -4.56 14.32
CA THR B 256 -7.46 -3.95 15.44
C THR B 256 -8.07 -4.45 16.77
N GLN B 257 -9.42 -4.56 16.83
CA GLN B 257 -10.12 -5.06 18.01
C GLN B 257 -9.75 -6.52 18.26
N ASN B 258 -9.65 -7.32 17.17
CA ASN B 258 -9.24 -8.73 17.19
C ASN B 258 -7.77 -8.86 17.64
N ALA B 259 -6.90 -7.89 17.25
CA ALA B 259 -5.50 -7.84 17.66
C ALA B 259 -5.38 -7.60 19.16
N LEU B 260 -6.29 -6.77 19.72
CA LEU B 260 -6.33 -6.46 21.16
C LEU B 260 -6.82 -7.67 21.97
N LYS B 261 -7.67 -8.53 21.37
CA LYS B 261 -8.20 -9.75 22.01
C LYS B 261 -7.13 -10.85 21.98
N LEU B 262 -6.54 -11.10 20.79
CA LEU B 262 -5.49 -12.08 20.52
C LEU B 262 -4.24 -11.77 21.40
N PHE B 263 -3.79 -10.50 21.43
CA PHE B 263 -2.67 -10.05 22.25
C PHE B 263 -3.20 -9.28 23.49
N PRO B 264 -3.41 -9.92 24.65
CA PRO B 264 -3.98 -9.18 25.81
C PRO B 264 -3.07 -8.05 26.36
N LYS B 265 -1.74 -8.12 26.16
CA LYS B 265 -0.81 -7.07 26.64
C LYS B 265 -0.80 -5.82 25.74
N LEU B 266 -1.39 -5.91 24.53
CA LEU B 266 -1.41 -4.85 23.52
C LEU B 266 -1.99 -3.52 24.02
N ARG B 267 -3.23 -3.54 24.58
CA ARG B 267 -3.95 -2.36 25.09
C ARG B 267 -3.09 -1.56 26.06
N HIS B 268 -2.38 -2.25 26.96
CA HIS B 268 -1.51 -1.65 27.94
C HIS B 268 -0.19 -1.17 27.31
N LEU B 269 0.44 -2.02 26.45
CA LEU B 269 1.73 -1.73 25.81
C LEU B 269 1.67 -0.56 24.80
N LEU B 270 0.45 -0.09 24.42
CA LEU B 270 0.26 1.08 23.55
C LEU B 270 -0.02 2.35 24.38
#